data_2O7Q
#
_entry.id   2O7Q
#
_cell.length_a   96.611
_cell.length_b   96.611
_cell.length_c   115.945
_cell.angle_alpha   90.00
_cell.angle_beta   90.00
_cell.angle_gamma   120.00
#
_symmetry.space_group_name_H-M   'P 32 2 1'
#
loop_
_entity.id
_entity.type
_entity.pdbx_description
1 polymer 'Bifunctional 3-dehydroquinate dehydratase/shikimate dehydrogenase'
2 non-polymer 'SULFATE ION'
3 non-polymer 3-DEHYDROSHIKIMATE
4 water water
#
_entity_poly.entity_id   1
_entity_poly.type   'polypeptide(L)'
_entity_poly.pdbx_seq_one_letter_code
;VKNPSLICAPVMADSIDKMVIETSKAHELGADLVEIRLDWLKDFNPLEDLKTIIKKSPLPTLFTYRPKWEGGQYEGDENE
RRDVLRLAMELGADYIDVELQVASEFIKSIDGKKPGKFKVIVSSHNYQNTPSVEDLDGLVARIQQTGADIVKIATTAVDI
ADVARMFHITSKAQVPTIGLVMGERGLMSRILCSKFGGYLTFGTLDSSKVSAPGQPTIKDLLDLYNFRRIGPDTKVYGII
GKPVSHSKSPIVHNQAFKSVDFNGVYVHLLVDNLVSFLQAYSSSDFAGFSCTIPHKEAALQ(CSO)CDEVDPLAKSIGAV
NTILRRKSDGKLLGYNTD(CSO)IGSISAIEDGLRSSGDPSSVPSSSSPLASKTVVVIGAGGAGKALAYGAKEKGAKVVI
ANRTYERALELAEAIGGKALSLTDLDNYHPEDGMVLANTTSMGMQPNVEETPISKDALKHYALVFDAVYTPRITRLLREA
EESGAITVSGSEMFVRQAYEQFEIFTGLPAPKELYWQIMSKYGSRENLYFQ
;
_entity_poly.pdbx_strand_id   A
#
loop_
_chem_comp.id
_chem_comp.type
_chem_comp.name
_chem_comp.formula
DHK non-polymer 3-DEHYDROSHIKIMATE 'C7 H10 O5'
SO4 non-polymer 'SULFATE ION' 'O4 S -2'
#
# COMPACT_ATOMS: atom_id res chain seq x y z
N VAL A 1 -18.09 -1.89 13.04
CA VAL A 1 -19.58 -1.83 13.01
C VAL A 1 -20.18 -2.92 12.14
N LYS A 2 -20.83 -3.89 12.79
CA LYS A 2 -21.49 -5.00 12.11
C LYS A 2 -20.64 -5.90 11.22
N ASN A 3 -21.28 -6.45 10.17
CA ASN A 3 -20.64 -7.37 9.24
C ASN A 3 -19.31 -6.94 8.64
N PRO A 4 -18.49 -7.91 8.23
CA PRO A 4 -17.20 -7.64 7.62
C PRO A 4 -17.48 -6.79 6.39
N SER A 5 -16.47 -6.09 5.88
CA SER A 5 -16.68 -5.24 4.71
C SER A 5 -16.93 -5.97 3.40
N LEU A 6 -17.86 -5.44 2.62
CA LEU A 6 -18.16 -5.99 1.31
C LEU A 6 -17.14 -5.43 0.33
N ILE A 7 -17.00 -6.06 -0.83
CA ILE A 7 -16.08 -5.59 -1.85
C ILE A 7 -16.93 -5.27 -3.08
N CYS A 8 -16.94 -4.00 -3.45
CA CYS A 8 -17.72 -3.54 -4.58
C CYS A 8 -16.85 -3.20 -5.78
N ALA A 9 -17.23 -3.71 -6.94
CA ALA A 9 -16.49 -3.45 -8.16
C ALA A 9 -17.10 -2.31 -8.97
N PRO A 10 -16.30 -1.28 -9.28
CA PRO A 10 -16.82 -0.15 -10.05
C PRO A 10 -16.97 -0.61 -11.51
N VAL A 11 -18.13 -0.34 -12.10
CA VAL A 11 -18.39 -0.70 -13.49
C VAL A 11 -18.53 0.60 -14.25
N MET A 12 -17.54 0.88 -15.09
CA MET A 12 -17.49 2.13 -15.85
C MET A 12 -17.49 2.01 -17.36
N ALA A 13 -17.59 0.81 -17.90
CA ALA A 13 -17.60 0.63 -19.36
C ALA A 13 -18.54 1.70 -19.93
N ASP A 14 -18.16 2.29 -21.06
CA ASP A 14 -18.98 3.33 -21.65
C ASP A 14 -20.12 2.80 -22.50
N SER A 15 -20.31 1.48 -22.46
CA SER A 15 -21.41 0.86 -23.20
C SER A 15 -22.08 -0.18 -22.30
N ILE A 16 -23.39 -0.29 -22.42
CA ILE A 16 -24.18 -1.23 -21.63
C ILE A 16 -23.74 -2.68 -21.80
N ASP A 17 -23.49 -3.09 -23.04
CA ASP A 17 -23.04 -4.47 -23.29
C ASP A 17 -21.70 -4.71 -22.62
N LYS A 18 -20.84 -3.69 -22.60
CA LYS A 18 -19.55 -3.85 -21.94
C LYS A 18 -19.74 -3.92 -20.43
N MET A 19 -20.68 -3.15 -19.89
CA MET A 19 -20.94 -3.18 -18.46
C MET A 19 -21.46 -4.55 -18.05
N VAL A 20 -22.31 -5.15 -18.88
CA VAL A 20 -22.82 -6.47 -18.54
C VAL A 20 -21.67 -7.44 -18.38
N ILE A 21 -20.70 -7.39 -19.29
CA ILE A 21 -19.55 -8.27 -19.22
C ILE A 21 -18.69 -7.99 -17.97
N GLU A 22 -18.59 -6.73 -17.59
CA GLU A 22 -17.81 -6.37 -16.41
C GLU A 22 -18.46 -6.91 -15.14
N THR A 23 -19.78 -6.92 -15.10
CA THR A 23 -20.47 -7.44 -13.92
C THR A 23 -20.21 -8.92 -13.80
N SER A 24 -20.02 -9.60 -14.93
CA SER A 24 -19.72 -11.03 -14.93
C SER A 24 -18.27 -11.20 -14.47
N LYS A 25 -17.41 -10.31 -14.94
CA LYS A 25 -16.00 -10.38 -14.55
C LYS A 25 -15.88 -10.09 -13.06
N ALA A 26 -16.71 -9.18 -12.56
CA ALA A 26 -16.68 -8.82 -11.14
C ALA A 26 -16.98 -10.05 -10.30
N HIS A 27 -17.98 -10.83 -10.72
CA HIS A 27 -18.37 -12.03 -10.01
C HIS A 27 -17.25 -13.07 -10.05
N GLU A 28 -16.61 -13.22 -11.21
CA GLU A 28 -15.51 -14.15 -11.38
C GLU A 28 -14.37 -13.81 -10.43
N LEU A 29 -13.99 -12.53 -10.41
CA LEU A 29 -12.89 -12.07 -9.55
C LEU A 29 -13.16 -12.24 -8.05
N GLY A 30 -14.43 -12.31 -7.67
CA GLY A 30 -14.75 -12.48 -6.27
C GLY A 30 -15.46 -11.32 -5.58
N ALA A 31 -15.86 -10.31 -6.35
CA ALA A 31 -16.55 -9.15 -5.76
C ALA A 31 -17.91 -9.53 -5.18
N ASP A 32 -18.35 -8.76 -4.19
CA ASP A 32 -19.64 -9.01 -3.55
C ASP A 32 -20.78 -8.27 -4.22
N LEU A 33 -20.45 -7.19 -4.92
CA LEU A 33 -21.44 -6.37 -5.60
C LEU A 33 -20.76 -5.48 -6.63
N VAL A 34 -21.56 -4.77 -7.41
CA VAL A 34 -20.99 -3.88 -8.42
C VAL A 34 -21.63 -2.52 -8.38
N GLU A 35 -20.82 -1.48 -8.56
CA GLU A 35 -21.36 -0.13 -8.59
C GLU A 35 -21.44 0.24 -10.05
N ILE A 36 -22.65 0.43 -10.54
CA ILE A 36 -22.84 0.80 -11.93
C ILE A 36 -22.71 2.33 -12.00
N ARG A 37 -21.63 2.79 -12.60
CA ARG A 37 -21.41 4.24 -12.75
C ARG A 37 -22.08 4.69 -14.04
N LEU A 38 -23.39 4.94 -13.95
CA LEU A 38 -24.21 5.35 -15.08
C LEU A 38 -23.70 6.60 -15.79
N ASP A 39 -23.04 7.48 -15.04
CA ASP A 39 -22.52 8.70 -15.62
C ASP A 39 -21.39 8.45 -16.62
N TRP A 40 -20.92 7.22 -16.72
CA TRP A 40 -19.85 6.88 -17.66
C TRP A 40 -20.34 6.26 -18.96
N LEU A 41 -21.64 6.05 -19.07
CA LEU A 41 -22.22 5.48 -20.28
C LEU A 41 -22.23 6.48 -21.42
N LYS A 42 -21.68 6.09 -22.57
CA LYS A 42 -21.67 6.99 -23.74
C LYS A 42 -23.09 7.19 -24.21
N ASP A 43 -23.79 6.10 -24.44
CA ASP A 43 -25.18 6.14 -24.86
C ASP A 43 -25.96 5.50 -23.73
N PHE A 44 -27.07 6.11 -23.35
CA PHE A 44 -27.86 5.59 -22.25
C PHE A 44 -29.37 5.69 -22.49
N ASN A 45 -30.02 4.53 -22.55
CA ASN A 45 -31.48 4.45 -22.71
C ASN A 45 -31.91 3.91 -21.36
N PRO A 46 -32.09 4.81 -20.38
CA PRO A 46 -32.49 4.51 -19.01
C PRO A 46 -33.32 3.25 -18.76
N LEU A 47 -34.61 3.30 -19.10
CA LEU A 47 -35.51 2.17 -18.86
C LEU A 47 -35.00 0.85 -19.44
N GLU A 48 -34.62 0.90 -20.70
CA GLU A 48 -34.12 -0.28 -21.40
C GLU A 48 -32.78 -0.80 -20.83
N ASP A 49 -31.84 0.10 -20.59
CA ASP A 49 -30.54 -0.31 -20.09
C ASP A 49 -30.52 -0.75 -18.64
N LEU A 50 -31.19 0.00 -17.77
CA LEU A 50 -31.23 -0.38 -16.37
C LEU A 50 -31.76 -1.80 -16.24
N LYS A 51 -32.85 -2.05 -16.96
CA LYS A 51 -33.49 -3.36 -16.96
C LYS A 51 -32.50 -4.45 -17.35
N THR A 52 -31.78 -4.20 -18.44
CA THR A 52 -30.78 -5.16 -18.92
C THR A 52 -29.74 -5.48 -17.84
N ILE A 53 -29.17 -4.45 -17.24
CA ILE A 53 -28.17 -4.64 -16.20
C ILE A 53 -28.69 -5.41 -14.98
N ILE A 54 -29.83 -4.98 -14.48
CA ILE A 54 -30.41 -5.64 -13.31
C ILE A 54 -30.74 -7.09 -13.64
N LYS A 55 -31.22 -7.32 -14.85
CA LYS A 55 -31.57 -8.66 -15.27
C LYS A 55 -30.36 -9.57 -15.45
N LYS A 56 -29.32 -9.06 -16.11
CA LYS A 56 -28.12 -9.86 -16.38
C LYS A 56 -27.02 -9.89 -15.32
N SER A 57 -27.01 -8.94 -14.40
CA SER A 57 -25.97 -8.90 -13.39
C SER A 57 -26.03 -10.10 -12.44
N PRO A 58 -24.91 -10.81 -12.28
CA PRO A 58 -24.85 -11.99 -11.39
C PRO A 58 -24.62 -11.57 -9.93
N LEU A 59 -24.46 -10.26 -9.72
CA LEU A 59 -24.22 -9.71 -8.38
C LEU A 59 -25.17 -8.58 -8.05
N PRO A 60 -25.37 -8.30 -6.75
CA PRO A 60 -26.27 -7.21 -6.33
C PRO A 60 -25.80 -5.92 -7.00
N THR A 61 -26.74 -5.08 -7.39
CA THR A 61 -26.39 -3.85 -8.08
C THR A 61 -26.56 -2.58 -7.26
N LEU A 62 -25.61 -1.67 -7.44
CA LEU A 62 -25.61 -0.38 -6.78
C LEU A 62 -25.51 0.61 -7.92
N PHE A 63 -26.51 1.46 -8.06
CA PHE A 63 -26.49 2.42 -9.14
C PHE A 63 -26.13 3.83 -8.70
N THR A 64 -25.19 4.39 -9.44
CA THR A 64 -24.70 5.73 -9.21
C THR A 64 -24.77 6.48 -10.53
N TYR A 65 -25.25 7.72 -10.47
CA TYR A 65 -25.38 8.55 -11.65
C TYR A 65 -24.72 9.88 -11.23
N ARG A 66 -23.42 9.81 -10.99
CA ARG A 66 -22.64 10.94 -10.52
C ARG A 66 -22.59 12.17 -11.42
N PRO A 67 -22.95 13.34 -10.87
CA PRO A 67 -22.94 14.62 -11.59
C PRO A 67 -21.58 15.30 -11.58
N LYS A 68 -21.35 16.14 -12.58
CA LYS A 68 -20.10 16.88 -12.68
C LYS A 68 -19.85 17.70 -11.41
N TRP A 69 -20.91 18.21 -10.78
CA TRP A 69 -20.71 19.01 -9.58
C TRP A 69 -20.31 18.21 -8.36
N GLU A 70 -20.28 16.88 -8.49
CA GLU A 70 -19.87 16.02 -7.40
C GLU A 70 -18.70 15.14 -7.84
N GLY A 71 -18.05 15.55 -8.93
CA GLY A 71 -16.91 14.79 -9.43
C GLY A 71 -17.19 13.71 -10.45
N GLY A 72 -18.43 13.61 -10.92
CA GLY A 72 -18.78 12.59 -11.90
C GLY A 72 -18.76 13.09 -13.32
N GLN A 73 -19.32 12.30 -14.23
CA GLN A 73 -19.35 12.68 -15.64
C GLN A 73 -20.70 13.21 -16.13
N TYR A 74 -21.74 13.11 -15.31
CA TYR A 74 -23.06 13.58 -15.76
C TYR A 74 -23.22 15.08 -15.78
N GLU A 75 -23.83 15.56 -16.85
CA GLU A 75 -24.13 16.98 -17.06
C GLU A 75 -25.56 17.01 -17.57
N GLY A 76 -26.28 18.08 -17.27
CA GLY A 76 -27.65 18.16 -17.74
C GLY A 76 -28.69 18.35 -16.66
N ASP A 77 -29.93 17.99 -16.98
CA ASP A 77 -31.04 18.14 -16.06
C ASP A 77 -30.98 17.26 -14.82
N GLU A 78 -31.12 17.92 -13.66
CA GLU A 78 -31.08 17.29 -12.35
C GLU A 78 -32.26 16.36 -12.11
N ASN A 79 -33.47 16.78 -12.49
CA ASN A 79 -34.65 15.95 -12.29
C ASN A 79 -34.56 14.67 -13.11
N GLU A 80 -34.05 14.78 -14.33
CA GLU A 80 -33.90 13.62 -15.19
C GLU A 80 -32.91 12.63 -14.57
N ARG A 81 -31.84 13.18 -13.99
CA ARG A 81 -30.83 12.34 -13.35
C ARG A 81 -31.48 11.58 -12.20
N ARG A 82 -32.32 12.28 -11.44
CA ARG A 82 -33.01 11.66 -10.30
C ARG A 82 -34.04 10.64 -10.77
N ASP A 83 -34.71 10.93 -11.88
CA ASP A 83 -35.71 10.01 -12.41
C ASP A 83 -35.06 8.65 -12.66
N VAL A 84 -33.84 8.67 -13.19
CA VAL A 84 -33.10 7.45 -13.48
C VAL A 84 -32.85 6.63 -12.21
N LEU A 85 -32.47 7.31 -11.14
CA LEU A 85 -32.21 6.64 -9.87
C LEU A 85 -33.46 6.03 -9.28
N ARG A 86 -34.57 6.76 -9.35
CA ARG A 86 -35.83 6.24 -8.84
C ARG A 86 -36.22 5.06 -9.72
N LEU A 87 -35.91 5.17 -11.01
CA LEU A 87 -36.20 4.12 -11.97
C LEU A 87 -35.41 2.86 -11.62
N ALA A 88 -34.15 3.05 -11.24
CA ALA A 88 -33.29 1.92 -10.89
C ALA A 88 -33.85 1.22 -9.66
N MET A 89 -34.35 2.00 -8.71
CA MET A 89 -34.92 1.45 -7.48
C MET A 89 -36.16 0.62 -7.80
N GLU A 90 -37.09 1.19 -8.57
CA GLU A 90 -38.31 0.46 -8.90
C GLU A 90 -38.12 -0.69 -9.89
N LEU A 91 -36.94 -0.77 -10.51
CA LEU A 91 -36.67 -1.87 -11.44
C LEU A 91 -35.99 -3.02 -10.74
N GLY A 92 -35.69 -2.84 -9.45
CA GLY A 92 -35.06 -3.91 -8.69
C GLY A 92 -33.61 -3.75 -8.24
N ALA A 93 -33.10 -2.52 -8.21
CA ALA A 93 -31.72 -2.30 -7.78
C ALA A 93 -31.58 -2.60 -6.30
N ASP A 94 -30.41 -3.07 -5.88
CA ASP A 94 -30.16 -3.36 -4.47
C ASP A 94 -29.82 -2.07 -3.71
N TYR A 95 -29.28 -1.10 -4.43
CA TYR A 95 -28.92 0.19 -3.85
C TYR A 95 -28.80 1.25 -4.94
N ILE A 96 -28.90 2.50 -4.52
CA ILE A 96 -28.65 3.64 -5.40
C ILE A 96 -27.87 4.55 -4.47
N ASP A 97 -27.05 5.40 -5.05
CA ASP A 97 -26.24 6.34 -4.29
C ASP A 97 -26.72 7.72 -4.69
N VAL A 98 -27.09 8.54 -3.71
CA VAL A 98 -27.54 9.88 -4.00
C VAL A 98 -26.70 10.86 -3.20
N GLU A 99 -26.26 11.92 -3.89
CA GLU A 99 -25.43 12.94 -3.28
C GLU A 99 -26.14 13.64 -2.13
N LEU A 100 -25.41 13.84 -1.04
CA LEU A 100 -25.92 14.50 0.15
C LEU A 100 -26.66 15.80 -0.19
N GLN A 101 -26.10 16.58 -1.12
CA GLN A 101 -26.69 17.84 -1.54
C GLN A 101 -28.18 17.76 -1.87
N VAL A 102 -28.58 16.70 -2.56
CA VAL A 102 -29.99 16.53 -2.95
C VAL A 102 -30.67 15.34 -2.24
N ALA A 103 -29.97 14.74 -1.29
CA ALA A 103 -30.49 13.58 -0.56
C ALA A 103 -31.89 13.75 0.05
N SER A 104 -32.09 14.79 0.85
CA SER A 104 -33.40 15.02 1.49
C SER A 104 -34.52 15.04 0.48
N GLU A 105 -34.39 15.89 -0.54
CA GLU A 105 -35.40 16.00 -1.57
C GLU A 105 -35.68 14.63 -2.18
N PHE A 106 -34.61 13.98 -2.62
CA PHE A 106 -34.75 12.67 -3.25
C PHE A 106 -35.49 11.66 -2.35
N ILE A 107 -34.97 11.47 -1.14
CA ILE A 107 -35.54 10.54 -0.18
C ILE A 107 -37.01 10.83 0.09
N LYS A 108 -37.39 12.09 0.06
CA LYS A 108 -38.79 12.44 0.29
C LYS A 108 -39.66 12.03 -0.89
N SER A 109 -39.08 12.06 -2.09
CA SER A 109 -39.82 11.70 -3.30
C SER A 109 -40.12 10.20 -3.43
N ILE A 110 -39.44 9.38 -2.63
CA ILE A 110 -39.66 7.94 -2.69
C ILE A 110 -40.16 7.38 -1.36
N ASP A 111 -40.48 8.29 -0.45
CA ASP A 111 -41.00 7.91 0.86
C ASP A 111 -42.22 6.99 0.73
N GLY A 112 -42.13 5.82 1.36
CA GLY A 112 -43.23 4.87 1.30
C GLY A 112 -43.32 4.15 -0.03
N LYS A 113 -42.35 4.39 -0.90
CA LYS A 113 -42.33 3.77 -2.23
C LYS A 113 -41.11 2.88 -2.43
N LYS A 114 -40.35 2.68 -1.35
CA LYS A 114 -39.13 1.87 -1.40
C LYS A 114 -39.42 0.37 -1.31
N PRO A 115 -38.91 -0.42 -2.27
CA PRO A 115 -39.12 -1.87 -2.25
C PRO A 115 -38.53 -2.46 -0.98
N GLY A 116 -38.62 -3.77 -0.85
CA GLY A 116 -38.09 -4.44 0.34
C GLY A 116 -36.58 -4.51 0.46
N LYS A 117 -35.94 -5.18 -0.49
CA LYS A 117 -34.48 -5.32 -0.46
C LYS A 117 -33.83 -4.15 -1.19
N PHE A 118 -34.00 -2.95 -0.65
CA PHE A 118 -33.46 -1.75 -1.26
C PHE A 118 -32.87 -0.84 -0.19
N LYS A 119 -31.69 -0.28 -0.45
CA LYS A 119 -31.06 0.61 0.51
C LYS A 119 -30.55 1.84 -0.21
N VAL A 120 -30.80 3.00 0.39
CA VAL A 120 -30.34 4.26 -0.17
C VAL A 120 -29.04 4.68 0.50
N ILE A 121 -28.00 4.85 -0.30
CA ILE A 121 -26.71 5.29 0.22
C ILE A 121 -26.66 6.78 -0.08
N VAL A 122 -26.33 7.58 0.93
CA VAL A 122 -26.21 9.03 0.74
C VAL A 122 -24.74 9.32 0.92
N SER A 123 -24.11 9.82 -0.14
CA SER A 123 -22.69 10.10 -0.14
C SER A 123 -22.23 11.56 -0.11
N SER A 124 -21.00 11.74 0.37
CA SER A 124 -20.37 13.03 0.47
C SER A 124 -18.92 12.84 0.04
N HIS A 125 -18.47 13.62 -0.94
CA HIS A 125 -17.11 13.51 -1.43
C HIS A 125 -16.30 14.76 -1.13
N ASN A 126 -15.18 14.59 -0.43
CA ASN A 126 -14.33 15.71 -0.09
C ASN A 126 -13.00 15.51 -0.83
N TYR A 127 -12.76 16.34 -1.85
CA TYR A 127 -11.56 16.24 -2.66
C TYR A 127 -10.34 17.05 -2.20
N GLN A 128 -10.49 17.80 -1.11
CA GLN A 128 -9.36 18.59 -0.62
C GLN A 128 -8.58 17.97 0.52
N ASN A 129 -9.28 17.47 1.53
CA ASN A 129 -8.59 16.91 2.66
C ASN A 129 -9.50 15.99 3.44
N THR A 130 -9.08 15.67 4.66
CA THR A 130 -9.85 14.83 5.56
C THR A 130 -10.11 15.69 6.78
N PRO A 131 -11.35 16.18 6.93
CA PRO A 131 -11.74 17.03 8.07
C PRO A 131 -11.50 16.42 9.44
N SER A 132 -11.63 17.25 10.46
CA SER A 132 -11.46 16.84 11.84
C SER A 132 -12.60 15.91 12.25
N VAL A 133 -12.41 15.19 13.34
CA VAL A 133 -13.43 14.27 13.85
C VAL A 133 -14.69 15.09 14.11
N GLU A 134 -14.49 16.33 14.58
CA GLU A 134 -15.60 17.23 14.84
C GLU A 134 -16.43 17.43 13.56
N ASP A 135 -15.76 17.86 12.51
CA ASP A 135 -16.44 18.10 11.23
C ASP A 135 -17.00 16.83 10.59
N LEU A 136 -16.28 15.73 10.73
CA LEU A 136 -16.73 14.46 10.18
C LEU A 136 -18.03 14.01 10.86
N ASP A 137 -18.12 14.21 12.17
CA ASP A 137 -19.33 13.85 12.92
C ASP A 137 -20.51 14.68 12.42
N GLY A 138 -20.27 15.97 12.22
CA GLY A 138 -21.33 16.84 11.74
C GLY A 138 -21.83 16.31 10.42
N LEU A 139 -20.89 15.89 9.58
CA LEU A 139 -21.21 15.32 8.26
C LEU A 139 -22.05 14.06 8.42
N VAL A 140 -21.63 13.15 9.29
CA VAL A 140 -22.38 11.91 9.52
C VAL A 140 -23.82 12.24 9.95
N ALA A 141 -23.98 13.14 10.92
CA ALA A 141 -25.32 13.50 11.39
C ALA A 141 -26.17 14.09 10.26
N ARG A 142 -25.59 14.98 9.47
CA ARG A 142 -26.31 15.57 8.35
C ARG A 142 -26.82 14.50 7.39
N ILE A 143 -25.95 13.55 7.07
CA ILE A 143 -26.32 12.47 6.15
C ILE A 143 -27.42 11.61 6.77
N GLN A 144 -27.27 11.28 8.05
CA GLN A 144 -28.31 10.50 8.71
C GLN A 144 -29.62 11.28 8.69
N GLN A 145 -29.55 12.59 8.92
CA GLN A 145 -30.73 13.43 8.93
C GLN A 145 -31.52 13.44 7.64
N THR A 146 -30.89 13.04 6.53
CA THR A 146 -31.58 12.99 5.24
C THR A 146 -32.47 11.75 5.15
N GLY A 147 -32.20 10.77 5.99
CA GLY A 147 -32.98 9.55 5.97
C GLY A 147 -32.25 8.42 5.27
N ALA A 148 -30.95 8.59 5.11
CA ALA A 148 -30.11 7.60 4.45
C ALA A 148 -30.08 6.27 5.20
N ASP A 149 -30.04 5.17 4.47
CA ASP A 149 -29.94 3.84 5.07
C ASP A 149 -28.46 3.57 5.35
N ILE A 150 -27.60 4.16 4.51
CA ILE A 150 -26.16 3.97 4.64
C ILE A 150 -25.42 5.28 4.42
N VAL A 151 -24.41 5.55 5.25
CA VAL A 151 -23.63 6.77 5.15
C VAL A 151 -22.33 6.53 4.35
N LYS A 152 -22.08 7.37 3.36
CA LYS A 152 -20.85 7.23 2.57
C LYS A 152 -20.08 8.55 2.62
N ILE A 153 -18.87 8.49 3.14
CA ILE A 153 -18.02 9.67 3.21
C ILE A 153 -16.67 9.34 2.62
N ALA A 154 -16.34 10.02 1.53
CA ALA A 154 -15.07 9.83 0.86
C ALA A 154 -14.31 11.14 1.03
N THR A 155 -13.13 11.05 1.64
CA THR A 155 -12.28 12.20 1.87
C THR A 155 -10.95 12.01 1.13
N THR A 156 -10.06 12.97 1.28
CA THR A 156 -8.77 12.92 0.61
C THR A 156 -7.68 12.90 1.63
N ALA A 157 -6.64 12.11 1.37
CA ALA A 157 -5.51 11.99 2.27
C ALA A 157 -4.40 12.97 1.92
N VAL A 158 -4.20 13.97 2.78
CA VAL A 158 -3.15 14.95 2.57
C VAL A 158 -1.93 14.31 3.19
N ASP A 159 -2.18 13.55 4.24
CA ASP A 159 -1.15 12.84 4.97
C ASP A 159 -1.73 11.50 5.44
N ILE A 160 -0.89 10.48 5.56
CA ILE A 160 -1.35 9.15 5.98
C ILE A 160 -2.04 9.19 7.35
N ALA A 161 -1.62 10.13 8.18
CA ALA A 161 -2.20 10.30 9.52
C ALA A 161 -3.70 10.58 9.43
N ASP A 162 -4.14 11.07 8.27
CA ASP A 162 -5.56 11.37 8.05
C ASP A 162 -6.48 10.16 8.19
N VAL A 163 -6.00 9.00 7.70
CA VAL A 163 -6.77 7.75 7.73
C VAL A 163 -7.33 7.39 9.10
N ALA A 164 -6.52 7.57 10.14
CA ALA A 164 -6.93 7.26 11.50
C ALA A 164 -8.28 7.91 11.86
N ARG A 165 -8.52 9.10 11.34
CA ARG A 165 -9.78 9.79 11.64
C ARG A 165 -10.95 9.10 10.95
N MET A 166 -10.71 8.59 9.75
CA MET A 166 -11.77 7.88 9.02
C MET A 166 -12.06 6.55 9.73
N PHE A 167 -11.01 5.86 10.19
CA PHE A 167 -11.19 4.58 10.90
C PHE A 167 -12.01 4.80 12.18
N HIS A 168 -11.77 5.92 12.87
CA HIS A 168 -12.51 6.23 14.08
C HIS A 168 -13.99 6.41 13.74
N ILE A 169 -14.25 7.01 12.57
CA ILE A 169 -15.62 7.23 12.12
C ILE A 169 -16.38 5.96 11.79
N THR A 170 -15.76 5.07 10.99
CA THR A 170 -16.41 3.83 10.60
C THR A 170 -16.51 2.90 11.81
N SER A 171 -15.48 2.94 12.65
CA SER A 171 -15.40 2.12 13.84
C SER A 171 -16.40 2.49 14.95
N LYS A 172 -16.77 3.76 15.06
CA LYS A 172 -17.66 4.20 16.12
C LYS A 172 -19.02 4.75 15.72
N ALA A 173 -19.21 5.12 14.46
CA ALA A 173 -20.51 5.65 14.05
C ALA A 173 -21.53 4.51 14.14
N GLN A 174 -22.65 4.76 14.82
CA GLN A 174 -23.67 3.74 14.99
C GLN A 174 -24.69 3.75 13.85
N VAL A 175 -24.20 3.54 12.64
CA VAL A 175 -25.01 3.50 11.43
C VAL A 175 -24.12 2.93 10.35
N PRO A 176 -24.65 2.08 9.46
CA PRO A 176 -23.80 1.51 8.41
C PRO A 176 -23.01 2.63 7.74
N THR A 177 -21.69 2.51 7.75
CA THR A 177 -20.86 3.56 7.19
C THR A 177 -19.76 3.10 6.23
N ILE A 178 -19.76 3.69 5.04
CA ILE A 178 -18.74 3.43 4.04
C ILE A 178 -17.80 4.63 4.19
N GLY A 179 -16.62 4.38 4.77
CA GLY A 179 -15.67 5.44 4.99
C GLY A 179 -14.35 5.16 4.29
N LEU A 180 -14.02 5.99 3.32
CA LEU A 180 -12.80 5.80 2.55
C LEU A 180 -12.01 7.10 2.41
N VAL A 181 -10.70 6.97 2.29
CA VAL A 181 -9.85 8.14 2.11
C VAL A 181 -9.13 7.92 0.79
N MET A 182 -9.35 8.83 -0.16
CA MET A 182 -8.76 8.74 -1.48
C MET A 182 -7.29 9.12 -1.51
N GLY A 183 -6.61 8.71 -2.59
CA GLY A 183 -5.20 9.01 -2.75
C GLY A 183 -4.32 7.86 -2.28
N GLU A 184 -3.10 7.80 -2.80
CA GLU A 184 -2.19 6.73 -2.39
C GLU A 184 -2.02 6.73 -0.88
N ARG A 185 -1.89 7.92 -0.30
CA ARG A 185 -1.70 8.05 1.15
C ARG A 185 -2.92 7.57 1.95
N GLY A 186 -4.03 7.33 1.27
CA GLY A 186 -5.21 6.84 1.95
C GLY A 186 -5.50 5.37 1.69
N LEU A 187 -4.63 4.72 0.90
CA LEU A 187 -4.82 3.31 0.55
C LEU A 187 -5.14 2.40 1.74
N MET A 188 -4.44 2.59 2.85
CA MET A 188 -4.67 1.77 4.03
C MET A 188 -6.13 1.76 4.48
N SER A 189 -6.86 2.83 4.20
CA SER A 189 -8.25 2.93 4.61
C SER A 189 -9.14 2.02 3.75
N ARG A 190 -8.67 1.70 2.55
CA ARG A 190 -9.44 0.83 1.63
C ARG A 190 -9.20 -0.64 1.94
N ILE A 191 -8.09 -0.92 2.63
CA ILE A 191 -7.70 -2.27 2.95
C ILE A 191 -8.17 -2.82 4.29
N LEU A 192 -8.18 -1.98 5.32
CA LEU A 192 -8.57 -2.43 6.65
C LEU A 192 -10.01 -2.21 7.06
N CYS A 193 -10.90 -2.05 6.09
CA CYS A 193 -12.32 -1.82 6.42
C CYS A 193 -12.94 -2.83 7.37
N SER A 194 -12.57 -4.09 7.22
CA SER A 194 -13.14 -5.14 8.07
C SER A 194 -12.67 -5.10 9.51
N LYS A 195 -11.51 -4.49 9.75
CA LYS A 195 -11.02 -4.37 11.10
C LYS A 195 -11.66 -3.17 11.78
N PHE A 196 -11.94 -2.14 11.01
CA PHE A 196 -12.51 -0.91 11.55
C PHE A 196 -13.98 -0.57 11.32
N GLY A 197 -14.78 -1.55 10.92
CA GLY A 197 -16.20 -1.31 10.75
C GLY A 197 -16.76 -0.79 9.45
N GLY A 198 -15.91 -0.63 8.42
CA GLY A 198 -16.41 -0.15 7.15
C GLY A 198 -17.43 -1.10 6.53
N TYR A 199 -18.49 -0.54 5.94
CA TYR A 199 -19.54 -1.36 5.32
C TYR A 199 -19.09 -1.97 3.99
N LEU A 200 -18.25 -1.26 3.26
CA LEU A 200 -17.74 -1.79 2.00
C LEU A 200 -16.53 -1.01 1.54
N THR A 201 -15.78 -1.63 0.64
CA THR A 201 -14.61 -1.02 0.04
C THR A 201 -14.72 -1.27 -1.47
N PHE A 202 -14.11 -0.40 -2.27
CA PHE A 202 -14.13 -0.56 -3.71
C PHE A 202 -12.83 -1.17 -4.22
N GLY A 203 -12.98 -2.19 -5.06
CA GLY A 203 -11.82 -2.86 -5.65
C GLY A 203 -12.00 -2.90 -7.15
N THR A 204 -10.95 -2.62 -7.91
CA THR A 204 -11.03 -2.58 -9.36
C THR A 204 -10.98 -3.93 -10.07
N LEU A 205 -11.68 -4.01 -11.21
CA LEU A 205 -11.71 -5.22 -12.02
C LEU A 205 -10.29 -5.47 -12.52
N ASP A 206 -9.55 -4.39 -12.71
CA ASP A 206 -8.16 -4.49 -13.12
C ASP A 206 -7.50 -3.15 -12.85
N SER A 207 -6.18 -3.17 -12.69
CA SER A 207 -5.40 -1.99 -12.38
C SER A 207 -5.56 -0.75 -13.27
N SER A 208 -6.46 -0.80 -14.25
CA SER A 208 -6.67 0.35 -15.13
C SER A 208 -8.11 0.89 -15.09
N LYS A 209 -8.97 0.24 -14.33
CA LYS A 209 -10.36 0.68 -14.22
C LYS A 209 -10.65 1.31 -12.86
N VAL A 210 -9.96 2.41 -12.56
CA VAL A 210 -10.11 3.12 -11.29
C VAL A 210 -11.21 4.19 -11.37
N SER A 211 -12.12 4.19 -10.39
CA SER A 211 -13.17 5.20 -10.36
C SER A 211 -12.79 6.28 -9.34
N ALA A 212 -11.75 6.02 -8.55
CA ALA A 212 -11.25 6.98 -7.56
C ALA A 212 -9.82 6.63 -7.17
N PRO A 213 -8.95 7.64 -7.01
CA PRO A 213 -7.53 7.48 -6.65
C PRO A 213 -7.27 6.58 -5.45
N GLY A 214 -6.28 5.70 -5.61
CA GLY A 214 -5.90 4.79 -4.53
C GLY A 214 -6.57 3.43 -4.51
N GLN A 215 -7.57 3.22 -5.36
CA GLN A 215 -8.28 1.93 -5.39
C GLN A 215 -7.40 0.78 -5.82
N PRO A 216 -7.33 -0.27 -5.00
CA PRO A 216 -6.51 -1.43 -5.34
C PRO A 216 -7.41 -2.32 -6.19
N THR A 217 -6.86 -3.41 -6.71
CA THR A 217 -7.66 -4.35 -7.50
C THR A 217 -8.31 -5.32 -6.54
N ILE A 218 -9.38 -5.97 -6.99
CA ILE A 218 -10.11 -6.97 -6.22
C ILE A 218 -9.19 -8.15 -5.93
N LYS A 219 -8.40 -8.53 -6.93
CA LYS A 219 -7.46 -9.65 -6.79
C LYS A 219 -6.42 -9.38 -5.71
N ASP A 220 -5.93 -8.14 -5.63
CA ASP A 220 -4.93 -7.85 -4.60
C ASP A 220 -5.59 -7.80 -3.22
N LEU A 221 -6.76 -7.19 -3.12
CA LEU A 221 -7.47 -7.15 -1.84
C LEU A 221 -7.65 -8.55 -1.29
N LEU A 222 -8.17 -9.46 -2.13
CA LEU A 222 -8.41 -10.84 -1.71
C LEU A 222 -7.17 -11.71 -1.55
N ASP A 223 -6.25 -11.66 -2.52
CA ASP A 223 -5.07 -12.52 -2.48
C ASP A 223 -3.77 -11.93 -1.98
N LEU A 224 -3.64 -10.62 -2.01
CA LEU A 224 -2.39 -10.03 -1.54
C LEU A 224 -2.56 -9.59 -0.10
N TYR A 225 -3.62 -8.84 0.16
CA TYR A 225 -3.88 -8.33 1.49
C TYR A 225 -4.72 -9.27 2.36
N ASN A 226 -5.18 -10.38 1.77
CA ASN A 226 -5.98 -11.35 2.51
C ASN A 226 -7.19 -10.70 3.17
N PHE A 227 -7.90 -9.88 2.40
CA PHE A 227 -9.06 -9.15 2.88
C PHE A 227 -10.05 -9.95 3.75
N ARG A 228 -10.48 -11.11 3.29
CA ARG A 228 -11.44 -11.92 4.04
C ARG A 228 -10.97 -12.32 5.44
N ARG A 229 -9.66 -12.28 5.67
CA ARG A 229 -9.10 -12.65 6.97
C ARG A 229 -8.97 -11.47 7.93
N ILE A 230 -9.12 -10.26 7.44
CA ILE A 230 -9.01 -9.08 8.28
C ILE A 230 -10.23 -8.94 9.19
N GLY A 231 -9.98 -8.78 10.49
CA GLY A 231 -11.06 -8.65 11.45
C GLY A 231 -10.76 -7.59 12.51
N PRO A 232 -11.71 -7.35 13.43
CA PRO A 232 -11.51 -6.33 14.48
C PRO A 232 -10.24 -6.52 15.31
N ASP A 233 -9.77 -7.75 15.44
CA ASP A 233 -8.58 -8.05 16.23
C ASP A 233 -7.28 -8.26 15.48
N THR A 234 -7.33 -8.29 14.16
CA THR A 234 -6.11 -8.49 13.39
C THR A 234 -5.09 -7.40 13.74
N LYS A 235 -3.83 -7.78 13.89
CA LYS A 235 -2.80 -6.80 14.19
C LYS A 235 -2.32 -6.24 12.86
N VAL A 236 -2.04 -4.95 12.83
CA VAL A 236 -1.59 -4.31 11.60
C VAL A 236 -0.09 -4.05 11.61
N TYR A 237 0.54 -4.36 10.48
CA TYR A 237 1.96 -4.16 10.26
C TYR A 237 2.07 -3.46 8.92
N GLY A 238 3.23 -2.92 8.60
CA GLY A 238 3.35 -2.24 7.33
C GLY A 238 4.76 -1.81 6.99
N ILE A 239 4.98 -1.49 5.72
CA ILE A 239 6.28 -1.04 5.29
C ILE A 239 6.27 0.49 5.17
N ILE A 240 7.02 1.13 6.07
CA ILE A 240 7.13 2.59 6.12
C ILE A 240 8.18 3.05 5.12
N GLY A 241 7.82 3.99 4.27
CA GLY A 241 8.79 4.49 3.30
C GLY A 241 8.27 5.58 2.41
N LYS A 242 9.13 6.05 1.51
CA LYS A 242 8.78 7.09 0.55
C LYS A 242 9.87 7.18 -0.50
N PRO A 243 9.60 6.64 -1.72
CA PRO A 243 8.36 5.98 -2.11
C PRO A 243 8.22 4.61 -1.46
N VAL A 244 7.06 4.00 -1.62
CA VAL A 244 6.83 2.69 -1.02
C VAL A 244 6.01 1.77 -1.93
N SER A 245 5.46 2.33 -3.02
CA SER A 245 4.60 1.57 -3.94
C SER A 245 5.25 0.37 -4.64
N HIS A 246 6.58 0.31 -4.62
CA HIS A 246 7.31 -0.77 -5.25
C HIS A 246 7.56 -1.91 -4.27
N SER A 247 7.39 -1.65 -2.98
CA SER A 247 7.68 -2.67 -1.98
C SER A 247 6.91 -3.98 -2.11
N LYS A 248 7.65 -5.08 -2.04
CA LYS A 248 7.02 -6.40 -2.10
C LYS A 248 6.91 -7.00 -0.69
N SER A 249 7.17 -6.20 0.34
CA SER A 249 7.03 -6.72 1.69
C SER A 249 5.59 -7.15 1.99
N PRO A 250 4.59 -6.40 1.48
CA PRO A 250 3.21 -6.82 1.74
C PRO A 250 2.90 -8.18 1.11
N ILE A 251 3.58 -8.49 0.00
CA ILE A 251 3.35 -9.77 -0.66
C ILE A 251 3.80 -10.95 0.22
N VAL A 252 5.07 -10.93 0.61
CA VAL A 252 5.62 -12.01 1.41
C VAL A 252 5.06 -12.17 2.81
N HIS A 253 4.96 -11.09 3.57
CA HIS A 253 4.45 -11.16 4.93
C HIS A 253 2.99 -11.60 5.01
N ASN A 254 2.13 -11.10 4.12
CA ASN A 254 0.74 -11.55 4.15
C ASN A 254 0.64 -13.04 3.79
N GLN A 255 1.48 -13.51 2.87
CA GLN A 255 1.47 -14.93 2.50
C GLN A 255 1.90 -15.75 3.71
N ALA A 256 3.01 -15.35 4.33
CA ALA A 256 3.54 -16.04 5.51
C ALA A 256 2.53 -16.03 6.66
N PHE A 257 1.97 -14.84 6.96
CA PHE A 257 0.98 -14.71 8.02
C PHE A 257 -0.17 -15.71 7.78
N LYS A 258 -0.67 -15.74 6.56
CA LYS A 258 -1.76 -16.64 6.22
C LYS A 258 -1.35 -18.10 6.40
N SER A 259 -0.19 -18.47 5.84
CA SER A 259 0.32 -19.83 5.94
C SER A 259 0.35 -20.36 7.36
N VAL A 260 0.94 -19.59 8.29
CA VAL A 260 1.01 -20.03 9.68
C VAL A 260 -0.18 -19.60 10.52
N ASP A 261 -1.21 -19.08 9.87
CA ASP A 261 -2.43 -18.63 10.55
C ASP A 261 -2.20 -17.58 11.65
N PHE A 262 -1.30 -16.63 11.40
CA PHE A 262 -1.03 -15.56 12.35
C PHE A 262 -2.06 -14.46 12.04
N ASN A 263 -2.75 -13.93 13.05
CA ASN A 263 -3.77 -12.91 12.81
C ASN A 263 -3.21 -11.52 12.61
N GLY A 264 -2.60 -11.32 11.45
CA GLY A 264 -2.04 -10.02 11.13
C GLY A 264 -2.17 -9.76 9.65
N VAL A 265 -2.06 -8.49 9.28
CA VAL A 265 -2.13 -8.07 7.89
C VAL A 265 -1.02 -7.03 7.73
N TYR A 266 -0.40 -7.00 6.56
CA TYR A 266 0.71 -6.10 6.28
C TYR A 266 0.37 -5.23 5.07
N VAL A 267 0.49 -3.91 5.26
CA VAL A 267 0.16 -2.97 4.20
C VAL A 267 1.29 -2.01 3.85
N HIS A 268 1.08 -1.23 2.80
CA HIS A 268 2.06 -0.23 2.38
C HIS A 268 1.78 1.02 3.22
N LEU A 269 2.84 1.68 3.66
CA LEU A 269 2.69 2.89 4.46
C LEU A 269 3.55 4.03 3.87
N LEU A 270 2.93 4.86 3.04
CA LEU A 270 3.62 5.99 2.42
C LEU A 270 3.70 7.09 3.49
N VAL A 271 4.87 7.21 4.11
CA VAL A 271 5.05 8.17 5.18
C VAL A 271 5.95 9.33 4.84
N ASP A 272 5.40 10.53 5.03
CA ASP A 272 6.14 11.76 4.77
C ASP A 272 6.92 12.11 6.02
N ASN A 273 6.22 12.14 7.15
CA ASN A 273 6.84 12.47 8.43
C ASN A 273 6.74 11.30 9.40
N LEU A 274 7.88 10.69 9.70
CA LEU A 274 7.94 9.53 10.58
C LEU A 274 7.40 9.79 11.99
N VAL A 275 7.76 10.93 12.57
CA VAL A 275 7.31 11.24 13.93
C VAL A 275 5.79 11.38 14.01
N SER A 276 5.19 12.13 13.08
CA SER A 276 3.74 12.30 13.10
C SER A 276 3.06 10.95 12.86
N PHE A 277 3.64 10.13 12.00
CA PHE A 277 3.06 8.82 11.69
C PHE A 277 2.97 7.95 12.94
N LEU A 278 4.10 7.79 13.62
CA LEU A 278 4.15 6.97 14.80
C LEU A 278 3.21 7.45 15.89
N GLN A 279 3.04 8.76 16.00
CA GLN A 279 2.16 9.31 17.01
C GLN A 279 0.69 9.10 16.63
N ALA A 280 0.39 9.18 15.34
CA ALA A 280 -0.98 8.99 14.88
C ALA A 280 -1.44 7.53 14.95
N TYR A 281 -0.48 6.61 14.95
CA TYR A 281 -0.81 5.19 15.00
C TYR A 281 -0.02 4.49 16.10
N SER A 282 -0.30 4.88 17.34
CA SER A 282 0.39 4.32 18.49
C SER A 282 -0.38 3.23 19.22
N SER A 283 -1.65 3.04 18.87
CA SER A 283 -2.46 2.01 19.53
C SER A 283 -1.84 0.63 19.33
N SER A 284 -2.32 -0.34 20.10
CA SER A 284 -1.84 -1.71 20.03
C SER A 284 -2.16 -2.35 18.69
N ASP A 285 -3.18 -1.81 18.00
CA ASP A 285 -3.59 -2.33 16.70
C ASP A 285 -2.40 -2.37 15.74
N PHE A 286 -1.52 -1.38 15.86
CA PHE A 286 -0.35 -1.29 15.01
C PHE A 286 0.85 -1.86 15.74
N ALA A 287 1.06 -3.17 15.57
CA ALA A 287 2.10 -3.94 16.25
C ALA A 287 3.54 -3.90 15.76
N GLY A 288 3.76 -3.63 14.48
CA GLY A 288 5.14 -3.60 13.99
C GLY A 288 5.28 -2.97 12.64
N PHE A 289 6.50 -2.51 12.32
CA PHE A 289 6.75 -1.85 11.04
C PHE A 289 8.12 -2.20 10.47
N SER A 290 8.22 -2.12 9.14
CA SER A 290 9.48 -2.33 8.43
C SER A 290 9.82 -0.92 7.95
N CYS A 291 11.10 -0.56 7.92
CA CYS A 291 11.47 0.78 7.46
C CYS A 291 12.48 0.77 6.34
N THR A 292 12.19 1.56 5.31
CA THR A 292 13.09 1.68 4.18
C THR A 292 13.30 3.18 3.94
N ILE A 293 14.04 3.53 2.90
CA ILE A 293 14.30 4.92 2.57
C ILE A 293 13.00 5.74 2.60
N PRO A 294 13.02 6.93 3.22
CA PRO A 294 14.16 7.56 3.90
C PRO A 294 13.92 7.65 5.40
N HIS A 295 13.43 6.57 6.00
CA HIS A 295 13.12 6.60 7.43
C HIS A 295 13.92 5.63 8.30
N LYS A 296 14.99 5.04 7.77
CA LYS A 296 15.79 4.10 8.55
C LYS A 296 16.49 4.73 9.76
N GLU A 297 17.20 5.84 9.53
CA GLU A 297 17.90 6.52 10.60
C GLU A 297 16.92 7.20 11.56
N ALA A 298 15.91 7.86 11.00
CA ALA A 298 14.91 8.54 11.81
C ALA A 298 14.20 7.55 12.73
N ALA A 299 14.06 6.32 12.25
CA ALA A 299 13.40 5.27 13.03
C ALA A 299 14.23 4.94 14.27
N LEU A 300 15.55 5.03 14.15
CA LEU A 300 16.43 4.76 15.28
C LEU A 300 16.09 5.74 16.40
N GLN A 301 16.01 7.01 16.05
CA GLN A 301 15.69 8.07 17.01
C GLN A 301 14.31 7.95 17.62
N CSO A 302 13.35 7.46 16.84
CA CSO A 302 11.98 7.32 17.32
CB CSO A 302 11.03 7.24 16.12
SG CSO A 302 10.74 8.83 15.30
C CSO A 302 11.74 6.13 18.25
O CSO A 302 10.74 6.09 18.96
OD CSO A 302 9.95 9.56 16.37
N CYS A 303 12.66 5.18 18.25
CA CYS A 303 12.51 4.00 19.09
C CYS A 303 12.91 4.24 20.54
N ASP A 304 12.03 3.83 21.45
CA ASP A 304 12.28 3.99 22.88
C ASP A 304 13.48 3.13 23.27
N GLU A 305 13.50 1.89 22.78
CA GLU A 305 14.62 1.01 23.06
C GLU A 305 15.19 0.61 21.72
N VAL A 306 16.51 0.41 21.66
CA VAL A 306 17.16 0.03 20.41
C VAL A 306 18.14 -1.12 20.63
N ASP A 307 18.04 -2.13 19.77
CA ASP A 307 18.90 -3.31 19.84
C ASP A 307 20.35 -2.90 19.66
N PRO A 308 21.27 -3.59 20.36
CA PRO A 308 22.71 -3.30 20.27
C PRO A 308 23.19 -3.17 18.84
N LEU A 309 22.94 -4.20 18.03
CA LEU A 309 23.37 -4.18 16.64
C LEU A 309 22.81 -2.99 15.88
N ALA A 310 21.56 -2.62 16.17
CA ALA A 310 20.94 -1.48 15.49
C ALA A 310 21.58 -0.17 15.96
N LYS A 311 21.54 0.06 17.26
CA LYS A 311 22.12 1.26 17.84
C LYS A 311 23.57 1.38 17.36
N SER A 312 24.25 0.24 17.30
CA SER A 312 25.64 0.19 16.84
C SER A 312 25.75 0.62 15.38
N ILE A 313 24.85 0.10 14.55
CA ILE A 313 24.84 0.44 13.13
C ILE A 313 24.44 1.88 12.88
N GLY A 314 23.47 2.36 13.66
CA GLY A 314 23.01 3.73 13.52
C GLY A 314 21.75 3.83 12.68
N ALA A 315 21.09 2.70 12.44
CA ALA A 315 19.86 2.68 11.65
C ALA A 315 18.96 1.51 12.02
N VAL A 316 17.65 1.76 11.95
CA VAL A 316 16.64 0.76 12.25
C VAL A 316 15.72 0.53 11.06
N ASN A 317 15.52 -0.74 10.70
CA ASN A 317 14.64 -1.08 9.59
C ASN A 317 13.47 -1.94 10.08
N THR A 318 13.42 -2.19 11.39
CA THR A 318 12.36 -3.01 11.98
C THR A 318 11.90 -2.44 13.32
N ILE A 319 10.63 -2.09 13.40
CA ILE A 319 10.09 -1.55 14.64
C ILE A 319 9.03 -2.47 15.20
N LEU A 320 9.20 -2.84 16.46
CA LEU A 320 8.24 -3.70 17.14
C LEU A 320 7.63 -2.94 18.32
N ARG A 321 6.31 -2.87 18.37
CA ARG A 321 5.64 -2.19 19.46
C ARG A 321 5.31 -3.25 20.51
N ARG A 322 6.16 -3.34 21.53
CA ARG A 322 5.98 -4.31 22.61
C ARG A 322 4.65 -4.14 23.31
N LYS A 323 3.94 -5.26 23.48
CA LYS A 323 2.64 -5.27 24.12
C LYS A 323 2.68 -4.76 25.55
N SER A 324 3.69 -5.21 26.30
CA SER A 324 3.90 -4.84 27.70
C SER A 324 3.61 -3.36 27.97
N ASP A 325 4.68 -2.56 27.92
CA ASP A 325 4.60 -1.12 28.15
C ASP A 325 4.01 -0.42 26.94
N GLY A 326 4.16 -1.03 25.77
CA GLY A 326 3.63 -0.44 24.55
C GLY A 326 4.62 0.46 23.85
N LYS A 327 5.90 0.34 24.22
CA LYS A 327 6.92 1.17 23.60
C LYS A 327 7.49 0.56 22.34
N LEU A 328 8.24 1.37 21.60
CA LEU A 328 8.84 0.94 20.35
C LEU A 328 10.26 0.43 20.49
N LEU A 329 10.48 -0.78 19.99
CA LEU A 329 11.79 -1.42 20.03
C LEU A 329 12.34 -1.43 18.60
N GLY A 330 13.59 -1.01 18.45
CA GLY A 330 14.20 -0.95 17.13
C GLY A 330 15.19 -2.08 16.87
N TYR A 331 15.09 -2.66 15.68
CA TYR A 331 15.96 -3.77 15.28
C TYR A 331 16.47 -3.53 13.86
N ASN A 332 17.52 -4.26 13.49
CA ASN A 332 18.08 -4.13 12.15
C ASN A 332 18.37 -5.49 11.53
N THR A 333 17.64 -5.81 10.47
CA THR A 333 17.83 -7.07 9.78
C THR A 333 18.54 -6.90 8.44
N ASP A 334 18.87 -5.65 8.09
CA ASP A 334 19.57 -5.37 6.83
C ASP A 334 20.99 -5.92 6.82
N CSO A 335 21.68 -5.76 7.95
CA CSO A 335 23.06 -6.22 8.08
CB CSO A 335 23.56 -5.95 9.50
SG CSO A 335 25.35 -6.18 9.73
C CSO A 335 23.23 -7.70 7.74
O CSO A 335 23.89 -8.06 6.77
OD CSO A 335 25.52 -7.69 9.60
N ILE A 336 22.60 -8.55 8.54
CA ILE A 336 22.69 -9.99 8.30
C ILE A 336 22.15 -10.34 6.92
N GLY A 337 21.09 -9.66 6.50
CA GLY A 337 20.49 -9.92 5.21
C GLY A 337 21.43 -9.72 4.03
N SER A 338 22.03 -8.55 3.92
CA SER A 338 22.93 -8.26 2.82
C SER A 338 24.28 -8.96 2.95
N ILE A 339 24.87 -8.92 4.14
CA ILE A 339 26.16 -9.57 4.34
C ILE A 339 26.10 -11.04 4.00
N SER A 340 25.07 -11.72 4.49
CA SER A 340 24.88 -13.14 4.24
C SER A 340 24.73 -13.45 2.75
N ALA A 341 23.96 -12.62 2.05
CA ALA A 341 23.75 -12.81 0.62
C ALA A 341 25.08 -12.68 -0.13
N ILE A 342 25.91 -11.74 0.30
CA ILE A 342 27.21 -11.50 -0.33
C ILE A 342 28.16 -12.67 -0.09
N GLU A 343 28.21 -13.17 1.15
CA GLU A 343 29.07 -14.30 1.47
C GLU A 343 28.62 -15.52 0.68
N ASP A 344 27.31 -15.68 0.56
CA ASP A 344 26.74 -16.79 -0.19
C ASP A 344 27.22 -16.68 -1.63
N GLY A 345 27.26 -15.46 -2.15
CA GLY A 345 27.71 -15.25 -3.51
C GLY A 345 29.14 -15.73 -3.66
N LEU A 346 29.88 -15.70 -2.56
CA LEU A 346 31.28 -16.14 -2.56
C LEU A 346 31.38 -17.60 -2.12
N THR A 366 38.00 -6.27 0.56
CA THR A 366 37.76 -4.87 0.24
C THR A 366 36.36 -4.66 -0.33
N VAL A 367 35.56 -3.82 0.34
CA VAL A 367 34.18 -3.56 -0.07
C VAL A 367 33.84 -2.10 -0.38
N VAL A 368 33.37 -1.85 -1.60
CA VAL A 368 32.99 -0.50 -1.99
C VAL A 368 31.48 -0.36 -1.82
N VAL A 369 31.07 0.38 -0.80
CA VAL A 369 29.66 0.59 -0.50
C VAL A 369 29.15 1.90 -1.07
N ILE A 370 28.21 1.82 -2.00
CA ILE A 370 27.62 3.01 -2.59
C ILE A 370 26.42 3.36 -1.72
N GLY A 371 26.38 4.59 -1.22
CA GLY A 371 25.28 5.00 -0.37
C GLY A 371 25.68 4.98 1.10
N ALA A 372 25.31 6.01 1.83
CA ALA A 372 25.63 6.13 3.25
C ALA A 372 24.38 6.27 4.10
N GLY A 373 23.25 5.79 3.58
CA GLY A 373 22.02 5.85 4.32
C GLY A 373 21.94 4.62 5.22
N GLY A 374 20.77 4.40 5.82
CA GLY A 374 20.59 3.26 6.71
C GLY A 374 21.08 1.93 6.16
N ALA A 375 20.84 1.67 4.88
CA ALA A 375 21.27 0.41 4.28
C ALA A 375 22.79 0.41 4.11
N GLY A 376 23.35 1.58 3.84
CA GLY A 376 24.78 1.68 3.65
C GLY A 376 25.48 1.46 4.99
N LYS A 377 24.93 2.06 6.03
CA LYS A 377 25.48 1.93 7.38
C LYS A 377 25.52 0.47 7.78
N ALA A 378 24.37 -0.19 7.64
CA ALA A 378 24.23 -1.60 8.00
C ALA A 378 25.20 -2.49 7.24
N LEU A 379 25.31 -2.31 5.93
CA LEU A 379 26.21 -3.15 5.15
C LEU A 379 27.66 -2.79 5.47
N ALA A 380 27.95 -1.50 5.48
CA ALA A 380 29.31 -1.06 5.79
C ALA A 380 29.70 -1.65 7.14
N TYR A 381 28.89 -1.38 8.15
CA TYR A 381 29.14 -1.88 9.50
C TYR A 381 29.42 -3.38 9.51
N GLY A 382 28.51 -4.14 8.93
CA GLY A 382 28.68 -5.58 8.89
C GLY A 382 29.97 -6.00 8.22
N ALA A 383 30.34 -5.30 7.16
CA ALA A 383 31.57 -5.61 6.42
C ALA A 383 32.84 -5.44 7.24
N LYS A 384 32.99 -4.29 7.90
CA LYS A 384 34.16 -4.03 8.71
C LYS A 384 34.30 -5.15 9.75
N GLU A 385 33.16 -5.63 10.23
CA GLU A 385 33.13 -6.68 11.24
C GLU A 385 33.70 -7.99 10.69
N LYS A 386 34.21 -7.96 9.47
CA LYS A 386 34.79 -9.14 8.86
C LYS A 386 35.87 -8.78 7.85
N ALA A 388 37.15 -6.93 5.75
CA ALA A 388 38.12 -6.20 4.95
C ALA A 388 37.84 -4.70 5.05
N LYS A 389 38.57 -3.91 4.28
CA LYS A 389 38.40 -2.46 4.29
C LYS A 389 37.14 -2.08 3.52
N VAL A 390 36.55 -0.94 3.85
CA VAL A 390 35.32 -0.52 3.19
C VAL A 390 35.27 0.97 2.86
N VAL A 391 35.05 1.28 1.59
CA VAL A 391 34.96 2.66 1.14
C VAL A 391 33.51 3.05 0.97
N ILE A 392 33.14 4.21 1.48
CA ILE A 392 31.76 4.69 1.38
C ILE A 392 31.63 5.81 0.36
N ALA A 393 31.10 5.48 -0.81
CA ALA A 393 30.91 6.45 -1.87
C ALA A 393 29.47 6.93 -1.80
N ASN A 394 29.27 8.24 -1.79
CA ASN A 394 27.93 8.81 -1.72
C ASN A 394 27.93 10.21 -2.33
N ARG A 395 26.88 10.54 -3.06
CA ARG A 395 26.78 11.85 -3.68
C ARG A 395 26.98 12.92 -2.60
N THR A 396 26.11 12.92 -1.59
CA THR A 396 26.23 13.88 -0.49
C THR A 396 27.46 13.47 0.31
N TYR A 397 28.59 14.09 0.01
CA TYR A 397 29.87 13.78 0.66
C TYR A 397 29.83 13.78 2.19
N GLU A 398 29.24 14.82 2.76
CA GLU A 398 29.13 14.94 4.21
C GLU A 398 28.64 13.65 4.87
N ARG A 399 27.65 13.02 4.23
CA ARG A 399 27.08 11.76 4.71
C ARG A 399 28.11 10.64 4.66
N ALA A 400 28.73 10.49 3.49
CA ALA A 400 29.73 9.45 3.30
C ALA A 400 30.91 9.71 4.24
N LEU A 401 31.16 10.98 4.51
CA LEU A 401 32.27 11.37 5.37
C LEU A 401 32.01 10.94 6.81
N GLU A 402 30.83 11.26 7.33
CA GLU A 402 30.45 10.90 8.68
C GLU A 402 30.55 9.39 8.87
N LEU A 403 29.95 8.64 7.94
CA LEU A 403 29.97 7.19 8.01
C LEU A 403 31.40 6.65 7.93
N ALA A 404 32.11 7.06 6.89
CA ALA A 404 33.49 6.62 6.69
C ALA A 404 34.30 6.68 7.99
N GLU A 405 34.21 7.81 8.69
CA GLU A 405 34.94 8.00 9.93
C GLU A 405 34.20 7.47 11.15
N ALA A 406 33.48 6.38 10.97
CA ALA A 406 32.72 5.76 12.05
C ALA A 406 33.07 4.28 12.15
N ILE A 407 33.10 3.61 11.01
CA ILE A 407 33.44 2.19 10.97
C ILE A 407 34.92 2.07 10.67
N GLY A 408 35.62 3.20 10.74
CA GLY A 408 37.05 3.20 10.45
C GLY A 408 37.25 2.91 8.98
N GLY A 409 36.55 3.66 8.14
CA GLY A 409 36.66 3.47 6.70
C GLY A 409 36.96 4.76 5.96
N LYS A 410 37.13 4.63 4.64
CA LYS A 410 37.44 5.79 3.80
C LYS A 410 36.23 6.26 2.99
N ALA A 411 36.06 7.57 2.88
CA ALA A 411 34.95 8.13 2.12
C ALA A 411 35.40 8.30 0.67
N LEU A 412 34.44 8.60 -0.21
CA LEU A 412 34.75 8.77 -1.63
C LEU A 412 33.69 9.59 -2.33
N SER A 413 34.13 10.52 -3.18
CA SER A 413 33.20 11.36 -3.92
C SER A 413 32.54 10.46 -4.96
N LEU A 414 31.21 10.48 -5.00
CA LEU A 414 30.47 9.65 -5.93
C LEU A 414 30.98 9.76 -7.36
N THR A 415 31.31 10.97 -7.79
CA THR A 415 31.82 11.18 -9.15
C THR A 415 33.13 10.43 -9.42
N ASP A 416 33.91 10.21 -8.37
CA ASP A 416 35.19 9.51 -8.48
C ASP A 416 35.08 8.00 -8.38
N LEU A 417 33.87 7.49 -8.20
CA LEU A 417 33.65 6.04 -8.07
C LEU A 417 34.10 5.24 -9.29
N ASP A 418 33.89 5.82 -10.47
CA ASP A 418 34.24 5.16 -11.73
C ASP A 418 35.71 4.81 -11.87
N ASN A 419 36.52 5.16 -10.86
CA ASN A 419 37.94 4.87 -10.90
C ASN A 419 38.49 4.31 -9.59
N TYR A 420 39.30 3.26 -9.71
CA TYR A 420 39.91 2.61 -8.54
C TYR A 420 40.97 1.60 -8.97
N GLU A 423 44.06 -1.61 -7.73
CA GLU A 423 43.12 -2.27 -6.84
C GLU A 423 42.10 -3.10 -7.61
N ASP A 424 42.14 -4.42 -7.42
CA ASP A 424 41.22 -5.33 -8.10
C ASP A 424 40.67 -6.42 -7.19
N GLY A 425 39.70 -7.16 -7.72
CA GLY A 425 39.09 -8.23 -6.94
C GLY A 425 38.20 -7.69 -5.84
N MET A 426 37.92 -6.39 -5.91
CA MET A 426 37.08 -5.74 -4.91
C MET A 426 35.63 -6.14 -5.12
N VAL A 427 34.81 -5.96 -4.09
CA VAL A 427 33.39 -6.26 -4.16
C VAL A 427 32.63 -4.94 -4.14
N LEU A 428 31.61 -4.83 -4.98
CA LEU A 428 30.81 -3.61 -5.05
C LEU A 428 29.43 -3.87 -4.49
N ALA A 429 28.96 -2.99 -3.61
CA ALA A 429 27.65 -3.14 -3.00
C ALA A 429 26.85 -1.84 -3.06
N ASN A 430 25.87 -1.79 -3.95
CA ASN A 430 25.02 -0.62 -4.07
C ASN A 430 23.92 -0.74 -3.02
N THR A 431 23.73 0.31 -2.23
CA THR A 431 22.70 0.30 -1.21
C THR A 431 21.79 1.51 -1.41
N THR A 432 21.93 2.13 -2.59
CA THR A 432 21.13 3.31 -2.94
C THR A 432 19.91 2.87 -3.76
N SER A 433 19.03 3.83 -4.06
CA SER A 433 17.82 3.57 -4.82
C SER A 433 18.08 3.67 -6.31
N MET A 434 19.32 3.99 -6.67
CA MET A 434 19.66 4.12 -8.08
C MET A 434 19.42 2.77 -8.74
N GLY A 435 18.73 2.78 -9.88
CA GLY A 435 18.43 1.55 -10.58
C GLY A 435 17.03 1.00 -10.33
N MET A 436 16.41 1.43 -9.23
CA MET A 436 15.07 0.98 -8.86
C MET A 436 14.01 1.55 -9.80
N GLN A 437 13.00 0.73 -10.11
CA GLN A 437 11.92 1.17 -10.97
C GLN A 437 11.39 2.49 -10.43
N PRO A 438 11.05 3.44 -11.32
CA PRO A 438 11.13 3.36 -12.78
C PRO A 438 12.47 3.73 -13.42
N ASN A 439 13.48 4.01 -12.60
CA ASN A 439 14.80 4.38 -13.12
C ASN A 439 15.62 3.17 -13.57
N VAL A 440 15.02 2.36 -14.42
CA VAL A 440 15.64 1.13 -14.91
C VAL A 440 16.88 1.26 -15.78
N GLU A 441 17.21 2.47 -16.23
CA GLU A 441 18.40 2.66 -17.06
C GLU A 441 19.47 3.44 -16.32
N GLU A 442 19.29 3.56 -15.01
CA GLU A 442 20.22 4.27 -14.18
C GLU A 442 21.11 3.28 -13.43
N THR A 443 22.41 3.56 -13.40
CA THR A 443 23.36 2.71 -12.69
C THR A 443 24.34 3.58 -11.93
N PRO A 444 24.68 3.20 -10.69
CA PRO A 444 25.61 3.95 -9.86
C PRO A 444 27.06 3.95 -10.31
N ILE A 445 27.40 3.17 -11.33
CA ILE A 445 28.78 3.11 -11.79
C ILE A 445 28.93 2.68 -13.25
N SER A 446 29.93 3.24 -13.92
CA SER A 446 30.22 2.93 -15.32
C SER A 446 30.60 1.47 -15.51
N LYS A 447 30.11 0.85 -16.58
CA LYS A 447 30.38 -0.55 -16.89
C LYS A 447 31.87 -0.86 -17.02
N ASP A 448 32.63 0.10 -17.54
CA ASP A 448 34.06 -0.08 -17.72
C ASP A 448 34.78 -0.18 -16.39
N ALA A 449 34.20 0.39 -15.35
CA ALA A 449 34.79 0.38 -14.01
C ALA A 449 34.47 -0.89 -13.22
N LEU A 450 33.52 -1.68 -13.70
CA LEU A 450 33.12 -2.91 -13.02
C LEU A 450 34.20 -3.97 -13.08
N LYS A 451 35.12 -3.83 -14.03
CA LYS A 451 36.21 -4.78 -14.20
C LYS A 451 37.00 -4.97 -12.89
N HIS A 452 37.25 -3.87 -12.19
CA HIS A 452 37.99 -3.92 -10.94
C HIS A 452 37.23 -4.60 -9.80
N TYR A 453 36.09 -5.21 -10.10
CA TYR A 453 35.31 -5.88 -9.07
C TYR A 453 35.06 -7.37 -9.30
N ALA A 454 35.19 -8.13 -8.22
CA ALA A 454 34.98 -9.58 -8.27
C ALA A 454 33.51 -9.89 -8.12
N LEU A 455 32.86 -9.27 -7.14
CA LEU A 455 31.45 -9.50 -6.91
C LEU A 455 30.69 -8.20 -6.76
N VAL A 456 29.51 -8.13 -7.37
CA VAL A 456 28.68 -6.94 -7.29
C VAL A 456 27.33 -7.27 -6.68
N PHE A 457 26.96 -6.52 -5.65
CA PHE A 457 25.70 -6.71 -4.96
C PHE A 457 24.83 -5.47 -5.14
N ASP A 458 23.54 -5.69 -5.38
CA ASP A 458 22.61 -4.58 -5.52
C ASP A 458 21.44 -4.86 -4.57
N ALA A 459 21.21 -3.95 -3.63
CA ALA A 459 20.14 -4.09 -2.65
C ALA A 459 18.78 -3.79 -3.29
N VAL A 460 18.81 -3.19 -4.47
CA VAL A 460 17.59 -2.89 -5.19
C VAL A 460 17.09 -4.24 -5.68
N TYR A 461 15.81 -4.53 -5.48
CA TYR A 461 15.25 -5.80 -5.93
C TYR A 461 14.07 -5.61 -6.88
N THR A 462 13.77 -4.35 -7.19
CA THR A 462 12.70 -4.02 -8.13
C THR A 462 13.27 -2.98 -9.10
N PRO A 463 13.67 -3.41 -10.31
CA PRO A 463 13.64 -4.78 -10.84
C PRO A 463 14.65 -5.74 -10.24
N ARG A 464 14.39 -7.02 -10.43
CA ARG A 464 15.27 -8.07 -9.92
C ARG A 464 16.64 -7.90 -10.58
N ILE A 465 16.63 -7.64 -11.88
CA ILE A 465 17.85 -7.46 -12.66
C ILE A 465 18.00 -5.98 -13.01
N THR A 466 18.77 -5.25 -12.21
CA THR A 466 19.00 -3.83 -12.45
C THR A 466 20.04 -3.69 -13.57
N ARG A 467 20.26 -2.46 -14.02
CA ARG A 467 21.25 -2.23 -15.07
C ARG A 467 22.62 -2.58 -14.49
N LEU A 468 22.83 -2.23 -13.23
CA LEU A 468 24.08 -2.50 -12.55
C LEU A 468 24.40 -4.00 -12.59
N LEU A 469 23.46 -4.82 -12.11
CA LEU A 469 23.66 -6.26 -12.09
C LEU A 469 23.82 -6.84 -13.49
N ARG A 470 23.08 -6.32 -14.44
CA ARG A 470 23.15 -6.80 -15.82
C ARG A 470 24.52 -6.54 -16.43
N GLU A 471 24.98 -5.29 -16.35
CA GLU A 471 26.29 -4.93 -16.91
C GLU A 471 27.41 -5.56 -16.10
N ALA A 472 27.10 -5.89 -14.84
CA ALA A 472 28.08 -6.51 -13.96
C ALA A 472 28.34 -7.93 -14.42
N GLU A 473 27.28 -8.64 -14.79
CA GLU A 473 27.40 -10.01 -15.27
C GLU A 473 28.12 -10.03 -16.61
N GLU A 474 27.83 -9.05 -17.45
CA GLU A 474 28.46 -8.96 -18.76
C GLU A 474 29.93 -8.59 -18.57
N SER A 475 30.29 -8.32 -17.32
CA SER A 475 31.66 -7.96 -16.96
C SER A 475 32.36 -9.16 -16.35
N GLY A 476 31.65 -10.29 -16.31
CA GLY A 476 32.22 -11.50 -15.75
C GLY A 476 32.22 -11.57 -14.23
N ALA A 477 31.76 -10.51 -13.58
CA ALA A 477 31.73 -10.50 -12.13
C ALA A 477 30.54 -11.32 -11.63
N ILE A 478 30.61 -11.75 -10.38
CA ILE A 478 29.51 -12.52 -9.81
C ILE A 478 28.49 -11.51 -9.29
N THR A 479 27.22 -11.80 -9.54
CA THR A 479 26.15 -10.90 -9.12
C THR A 479 25.22 -11.48 -8.08
N VAL A 480 24.99 -10.71 -7.01
CA VAL A 480 24.10 -11.12 -5.94
C VAL A 480 22.88 -10.20 -5.96
N SER A 481 21.78 -10.68 -6.55
CA SER A 481 20.55 -9.91 -6.65
C SER A 481 20.02 -9.40 -5.31
N GLY A 482 19.22 -8.33 -5.38
CA GLY A 482 18.64 -7.76 -4.18
C GLY A 482 17.65 -8.71 -3.53
N SER A 483 17.01 -9.54 -4.34
CA SER A 483 16.02 -10.50 -3.85
C SER A 483 16.64 -11.38 -2.76
N GLU A 484 17.92 -11.72 -2.94
CA GLU A 484 18.64 -12.54 -1.96
C GLU A 484 18.69 -11.86 -0.61
N MET A 485 18.95 -10.56 -0.61
CA MET A 485 19.01 -9.80 0.64
C MET A 485 17.61 -9.54 1.18
N PHE A 486 16.71 -9.17 0.28
CA PHE A 486 15.32 -8.87 0.65
C PHE A 486 14.60 -10.00 1.39
N VAL A 487 14.69 -11.20 0.83
CA VAL A 487 14.03 -12.35 1.45
C VAL A 487 14.62 -12.64 2.83
N ARG A 488 15.95 -12.62 2.92
CA ARG A 488 16.63 -12.87 4.18
C ARG A 488 16.22 -11.88 5.27
N GLN A 489 16.29 -10.58 4.98
CA GLN A 489 15.92 -9.59 6.00
C GLN A 489 14.44 -9.70 6.32
N ALA A 490 13.66 -10.19 5.35
CA ALA A 490 12.22 -10.32 5.55
C ALA A 490 11.83 -11.46 6.51
N TYR A 491 12.41 -12.65 6.36
CA TYR A 491 12.02 -13.70 7.28
C TYR A 491 12.51 -13.45 8.71
N GLU A 492 13.55 -12.63 8.84
CA GLU A 492 14.03 -12.27 10.17
C GLU A 492 13.02 -11.29 10.80
N GLN A 493 12.36 -10.49 9.97
CA GLN A 493 11.37 -9.55 10.48
C GLN A 493 10.13 -10.32 10.90
N PHE A 494 9.82 -11.38 10.16
CA PHE A 494 8.67 -12.22 10.47
C PHE A 494 8.83 -12.74 11.91
N GLU A 495 10.05 -13.19 12.22
CA GLU A 495 10.35 -13.73 13.53
C GLU A 495 10.14 -12.66 14.59
N ILE A 496 10.58 -11.43 14.29
CA ILE A 496 10.42 -10.34 15.23
C ILE A 496 8.97 -9.96 15.43
N PHE A 497 8.20 -9.87 14.34
CA PHE A 497 6.79 -9.48 14.43
C PHE A 497 5.92 -10.52 15.10
N THR A 498 6.14 -11.79 14.74
CA THR A 498 5.33 -12.88 15.24
C THR A 498 5.83 -13.58 16.51
N GLY A 499 7.15 -13.65 16.66
CA GLY A 499 7.71 -14.34 17.80
C GLY A 499 7.78 -15.83 17.43
N LEU A 500 7.62 -16.11 16.14
CA LEU A 500 7.67 -17.49 15.63
C LEU A 500 8.94 -17.75 14.83
N PRO A 501 9.43 -19.00 14.84
CA PRO A 501 10.64 -19.35 14.10
C PRO A 501 10.57 -18.90 12.63
N ALA A 502 11.63 -18.25 12.16
CA ALA A 502 11.68 -17.80 10.79
C ALA A 502 11.47 -18.96 9.82
N PRO A 503 10.38 -18.93 9.04
CA PRO A 503 10.10 -19.99 8.08
C PRO A 503 10.84 -19.63 6.80
N LYS A 504 12.14 -19.85 6.82
CA LYS A 504 13.00 -19.53 5.70
C LYS A 504 12.59 -20.12 4.37
N GLU A 505 12.46 -21.44 4.31
CA GLU A 505 12.07 -22.11 3.06
C GLU A 505 10.77 -21.53 2.51
N LEU A 506 9.81 -21.26 3.39
CA LEU A 506 8.53 -20.69 2.99
C LEU A 506 8.74 -19.36 2.26
N TYR A 507 9.48 -18.44 2.87
CA TYR A 507 9.73 -17.14 2.27
C TYR A 507 10.37 -17.21 0.88
N TRP A 508 11.32 -18.11 0.70
CA TRP A 508 11.95 -18.26 -0.61
C TRP A 508 10.88 -18.73 -1.59
N GLN A 509 10.06 -19.67 -1.16
CA GLN A 509 8.99 -20.19 -2.00
C GLN A 509 7.98 -19.09 -2.35
N ILE A 510 7.59 -18.31 -1.35
CA ILE A 510 6.63 -17.22 -1.57
C ILE A 510 7.19 -16.20 -2.56
N MET A 511 8.44 -15.80 -2.37
CA MET A 511 9.06 -14.82 -3.24
C MET A 511 9.08 -15.33 -4.68
N SER A 512 9.53 -16.56 -4.84
CA SER A 512 9.62 -17.20 -6.15
C SER A 512 8.27 -17.30 -6.85
N LYS A 513 7.25 -17.74 -6.11
CA LYS A 513 5.91 -17.91 -6.67
C LYS A 513 5.03 -16.67 -6.75
N TYR A 514 5.18 -15.76 -5.77
CA TYR A 514 4.35 -14.57 -5.73
C TYR A 514 5.07 -13.22 -5.88
N GLY A 515 6.39 -13.23 -5.78
CA GLY A 515 7.13 -11.98 -5.90
C GLY A 515 8.03 -11.79 -7.11
N SER A 516 7.71 -12.45 -8.23
CA SER A 516 8.55 -12.34 -9.41
C SER A 516 8.13 -11.34 -10.50
N ARG A 517 6.90 -10.84 -10.47
CA ARG A 517 6.47 -9.88 -11.48
C ARG A 517 7.17 -8.54 -11.30
N GLU A 518 7.54 -7.90 -12.40
CA GLU A 518 8.22 -6.62 -12.36
C GLU A 518 7.28 -5.46 -12.70
N ASN A 519 7.76 -4.23 -12.47
CA ASN A 519 7.00 -3.01 -12.75
C ASN A 519 5.64 -2.96 -12.05
N LEU A 520 5.57 -3.49 -10.84
CA LEU A 520 4.32 -3.47 -10.09
C LEU A 520 4.33 -2.30 -9.14
N TYR A 521 3.24 -1.54 -9.11
CA TYR A 521 3.13 -0.43 -8.20
C TYR A 521 1.83 -0.55 -7.43
N PHE A 522 1.94 -0.64 -6.10
CA PHE A 522 0.77 -0.75 -5.25
C PHE A 522 0.50 0.65 -4.71
N GLN A 523 -0.50 1.31 -5.29
CA GLN A 523 -0.81 2.67 -4.89
C GLN A 523 -2.21 3.10 -5.27
S SO4 B . -22.47 21.94 -5.07
O1 SO4 B . -22.20 20.68 -4.35
O2 SO4 B . -21.20 22.54 -5.53
O3 SO4 B . -23.16 22.87 -4.15
O4 SO4 B . -23.33 21.67 -6.24
S SO4 C . 21.52 11.84 0.09
O1 SO4 C . 22.50 12.10 -1.00
O2 SO4 C . 20.75 13.06 0.37
O3 SO4 C . 22.25 11.42 1.31
O4 SO4 C . 20.60 10.77 -0.35
S SO4 D . 17.48 6.26 5.22
O1 SO4 D . 18.56 5.53 4.55
O2 SO4 D . 17.27 7.56 4.54
O3 SO4 D . 17.85 6.50 6.63
O4 SO4 D . 16.23 5.48 5.18
C2 DHK E . -15.70 4.72 -5.45
C3 DHK E . -16.84 5.43 -6.15
O3 DHK E . -16.87 5.29 -7.59
C4 DHK E . -18.08 5.40 -5.33
O4 DHK E . -19.20 6.06 -5.93
C5 DHK E . -17.55 6.29 -4.18
C1 DHK E . -15.09 5.89 -4.68
C6 DHK E . -16.34 5.96 -3.71
C DHK E . -13.89 5.44 -3.88
O1 DHK E . -13.90 5.58 -2.55
O2 DHK E . -12.94 4.94 -4.41
C2 DHK F . 13.20 -2.90 1.74
C3 DHK F . 14.45 -2.93 2.60
O3 DHK F . 14.92 -1.59 2.78
C4 DHK F . 14.21 -3.60 4.01
O4 DHK F . 15.19 -3.11 4.93
C5 DHK F . 12.78 -3.27 4.54
C1 DHK F . 12.00 -3.27 2.15
C6 DHK F . 11.72 -3.79 3.54
C DHK F . 10.86 -3.18 1.20
O1 DHK F . 9.63 -3.56 1.57
O2 DHK F . 11.03 -2.77 0.07
O5 DHK F . 12.59 -3.87 5.81
#